data_2GG8
#
_entry.id   2GG8
#
_cell.length_a   38.701
_cell.length_b   62.017
_cell.length_c   53.255
_cell.angle_alpha   90.00
_cell.angle_beta   107.47
_cell.angle_gamma   90.00
#
_symmetry.space_group_name_H-M   'P 1 21 1'
#
loop_
_entity.id
_entity.type
_entity.pdbx_description
1 polymer 'Methionine aminopeptidase'
2 non-polymer 'COBALT (II) ION'
3 non-polymer 'SODIUM ION'
4 non-polymer 'METHYL N-[(2S,3R)-3-AMINO-2-HYDROXY-3-(4-METHYLPHENYL)PROPANOYL]-D-ALANYL-D-LEUCINATE'
5 water water
#
_entity_poly.entity_id   1
_entity_poly.type   'polypeptide(L)'
_entity_poly.pdbx_seq_one_letter_code
;AISIKTPEDIEKMRVAGRLAAEVLEMIEPYVKPGVSTGELDRICNDYIVNEQHAVSACLGYHGYPKSVCISINEVVCHGI
PDDAKLLKDGDIVNIDVTVIKDGFHGDTSKMFIVGKPTIMGERLCRITQESLYLALRMVKPGINLREIGAAIQKFVEAEG
FSVVREYCGHGIGRGFHEEPQVLHYDSRETNVVLKPGMTFTIEPMVNAGKKEIRTMKDGWTVKTKDRSLSAQYEHTIVVT
DNGCEILTLRKDDTIPAIISHDE
;
_entity_poly.pdbx_strand_id   A
#
# COMPACT_ATOMS: atom_id res chain seq x y z
N ALA A 1 -4.09 -16.46 -16.03
CA ALA A 1 -4.54 -16.99 -14.70
C ALA A 1 -4.94 -15.86 -13.77
N ILE A 2 -5.39 -14.76 -14.35
CA ILE A 2 -6.10 -13.75 -13.56
C ILE A 2 -7.51 -14.17 -13.14
N SER A 3 -7.69 -14.33 -11.84
CA SER A 3 -8.99 -14.50 -11.20
C SER A 3 -10.00 -13.41 -11.61
N ILE A 4 -11.21 -13.77 -12.06
CA ILE A 4 -12.34 -12.83 -12.15
C ILE A 4 -13.30 -13.03 -10.96
N LYS A 5 -13.38 -12.06 -10.07
CA LYS A 5 -14.19 -12.27 -8.88
C LYS A 5 -15.68 -12.20 -9.19
N THR A 6 -16.45 -13.04 -8.52
CA THR A 6 -17.91 -13.03 -8.71
C THR A 6 -18.40 -11.91 -7.80
N PRO A 7 -19.69 -11.51 -7.92
CA PRO A 7 -20.27 -10.51 -7.03
C PRO A 7 -20.22 -10.90 -5.55
N GLU A 8 -20.41 -12.18 -5.25
CA GLU A 8 -20.23 -12.64 -3.88
C GLU A 8 -18.79 -12.49 -3.39
N ASP A 9 -17.82 -12.83 -4.22
CA ASP A 9 -16.41 -12.63 -3.87
C ASP A 9 -16.06 -11.15 -3.68
N ILE A 10 -16.54 -10.29 -4.60
CA ILE A 10 -16.27 -8.85 -4.50
C ILE A 10 -16.86 -8.33 -3.21
N GLU A 11 -18.03 -8.81 -2.83
CA GLU A 11 -18.57 -8.39 -1.54
C GLU A 11 -17.68 -8.79 -0.35
N LYS A 12 -17.09 -9.97 -0.38
CA LYS A 12 -16.16 -10.39 0.67
C LYS A 12 -14.92 -9.50 0.64
N MET A 13 -14.50 -9.06 -0.55
CA MET A 13 -13.36 -8.17 -0.63
CA MET A 13 -13.36 -8.16 -0.67
C MET A 13 -13.62 -6.77 -0.07
N ARG A 14 -14.87 -6.33 -0.19
CA ARG A 14 -15.27 -5.05 0.38
C ARG A 14 -15.15 -5.05 1.89
N VAL A 15 -15.61 -6.12 2.52
CA VAL A 15 -15.50 -6.30 3.98
C VAL A 15 -14.02 -6.31 4.37
N ALA A 16 -13.22 -7.10 3.66
CA ALA A 16 -11.83 -7.31 4.08
C ALA A 16 -11.05 -6.03 3.81
N GLY A 17 -11.36 -5.33 2.72
CA GLY A 17 -10.68 -4.06 2.42
C GLY A 17 -11.07 -3.02 3.45
N ARG A 18 -12.34 -3.02 3.84
CA ARG A 18 -12.82 -2.07 4.85
C ARG A 18 -12.12 -2.27 6.18
N LEU A 19 -12.01 -3.53 6.62
CA LEU A 19 -11.27 -3.79 7.84
C LEU A 19 -9.83 -3.33 7.77
N ALA A 20 -9.13 -3.64 6.68
CA ALA A 20 -7.74 -3.17 6.54
C ALA A 20 -7.66 -1.62 6.66
N ALA A 21 -8.59 -0.94 5.98
CA ALA A 21 -8.68 0.52 6.03
C ALA A 21 -8.94 1.01 7.44
N GLU A 22 -9.80 0.31 8.18
CA GLU A 22 -10.15 0.69 9.52
C GLU A 22 -9.05 0.47 10.52
N VAL A 23 -8.18 -0.51 10.25
CA VAL A 23 -6.95 -0.63 11.05
C VAL A 23 -6.16 0.67 10.95
N LEU A 24 -6.05 1.23 9.75
CA LEU A 24 -5.24 2.44 9.55
C LEU A 24 -5.88 3.69 10.13
N GLU A 25 -7.21 3.72 10.08
CA GLU A 25 -7.91 4.79 10.84
C GLU A 25 -7.77 4.67 12.35
N MET A 26 -7.96 3.46 12.86
CA MET A 26 -7.84 3.20 14.29
C MET A 26 -6.48 3.63 14.82
N ILE A 27 -5.40 3.32 14.09
CA ILE A 27 -4.05 3.49 14.64
C ILE A 27 -3.65 4.95 14.71
N GLU A 28 -4.25 5.78 13.86
CA GLU A 28 -3.81 7.16 13.65
C GLU A 28 -3.55 8.02 14.94
N PRO A 29 -4.48 8.01 15.92
CA PRO A 29 -4.23 8.70 17.19
C PRO A 29 -3.00 8.23 17.98
N TYR A 30 -2.54 7.00 17.72
CA TYR A 30 -1.43 6.41 18.47
CA TYR A 30 -1.44 6.41 18.48
C TYR A 30 -0.08 6.77 17.89
N VAL A 31 -0.11 7.21 16.62
CA VAL A 31 1.05 7.68 15.87
C VAL A 31 1.56 9.07 16.26
N LYS A 32 2.43 9.06 17.26
CA LYS A 32 2.87 10.24 18.04
C LYS A 32 4.35 10.23 18.37
N PRO A 33 4.97 11.42 18.53
CA PRO A 33 6.37 11.33 18.97
C PRO A 33 6.54 10.50 20.24
N GLY A 34 7.63 9.73 20.29
CA GLY A 34 7.96 8.86 21.43
C GLY A 34 7.26 7.53 21.56
N VAL A 35 6.30 7.21 20.69
CA VAL A 35 5.69 5.87 20.63
C VAL A 35 6.69 4.92 19.90
N SER A 36 6.69 3.64 20.27
CA SER A 36 7.62 2.68 19.65
C SER A 36 6.81 1.99 18.56
N THR A 37 7.45 1.51 17.47
CA THR A 37 6.74 0.78 16.43
C THR A 37 6.26 -0.60 16.86
N GLY A 38 6.98 -1.22 17.81
CA GLY A 38 6.55 -2.45 18.46
C GLY A 38 5.20 -2.32 19.16
N GLU A 39 5.01 -1.22 19.84
CA GLU A 39 3.72 -0.89 20.41
C GLU A 39 2.58 -0.77 19.36
N LEU A 40 2.90 -0.05 18.29
CA LEU A 40 1.88 0.17 17.22
C LEU A 40 1.42 -1.13 16.63
N ASP A 41 2.40 -2.02 16.35
CA ASP A 41 2.10 -3.35 15.85
C ASP A 41 1.21 -4.14 16.83
N ARG A 42 1.51 -4.07 18.13
CA ARG A 42 0.70 -4.68 19.19
C ARG A 42 -0.78 -4.20 19.14
N ILE A 43 -0.98 -2.88 19.09
CA ILE A 43 -2.32 -2.29 19.00
C ILE A 43 -3.09 -2.78 17.78
N CYS A 44 -2.39 -2.78 16.65
CA CYS A 44 -2.97 -3.25 15.38
C CYS A 44 -3.35 -4.72 15.47
N ASN A 45 -2.46 -5.57 15.97
CA ASN A 45 -2.82 -6.98 16.02
C ASN A 45 -4.05 -7.30 16.89
N ASP A 46 -4.11 -6.70 18.07
CA ASP A 46 -5.21 -6.88 19.02
C ASP A 46 -6.53 -6.53 18.35
N TYR A 47 -6.54 -5.38 17.71
CA TYR A 47 -7.69 -4.87 17.00
C TYR A 47 -8.14 -5.85 15.90
N ILE A 48 -7.22 -6.24 15.03
CA ILE A 48 -7.51 -7.21 13.98
C ILE A 48 -8.13 -8.51 14.52
N VAL A 49 -7.54 -9.05 15.59
CA VAL A 49 -7.96 -10.36 16.05
C VAL A 49 -9.20 -10.28 16.95
N ASN A 50 -9.16 -9.38 17.93
CA ASN A 50 -10.10 -9.31 19.05
C ASN A 50 -11.38 -8.59 18.68
N GLU A 51 -11.23 -7.54 17.87
CA GLU A 51 -12.34 -6.68 17.52
C GLU A 51 -12.85 -7.07 16.16
N GLN A 52 -11.97 -7.03 15.16
CA GLN A 52 -12.39 -7.32 13.79
C GLN A 52 -12.66 -8.80 13.53
N HIS A 53 -12.22 -9.66 14.45
CA HIS A 53 -12.34 -11.10 14.28
C HIS A 53 -11.83 -11.49 12.90
N ALA A 54 -10.61 -11.01 12.61
CA ALA A 54 -9.86 -11.22 11.36
C ALA A 54 -8.47 -11.79 11.72
N VAL A 55 -7.59 -12.01 10.73
CA VAL A 55 -6.18 -12.31 11.00
C VAL A 55 -5.27 -11.42 10.15
N SER A 56 -4.07 -11.11 10.64
CA SER A 56 -3.03 -10.51 9.79
C SER A 56 -2.52 -11.52 8.75
N ALA A 57 -2.46 -11.10 7.49
CA ALA A 57 -1.93 -11.94 6.40
C ALA A 57 -0.40 -11.95 6.41
N CYS A 58 0.16 -10.95 7.07
CA CYS A 58 1.60 -10.75 7.10
C CYS A 58 2.27 -11.66 8.13
N LEU A 59 1.58 -11.95 9.23
CA LEU A 59 2.22 -12.70 10.33
C LEU A 59 2.60 -14.14 9.92
N GLY A 60 3.89 -14.47 9.87
CA GLY A 60 4.22 -15.82 9.44
C GLY A 60 4.47 -15.97 7.96
N TYR A 61 4.12 -14.95 7.16
CA TYR A 61 4.22 -15.05 5.70
CA TYR A 61 4.21 -15.04 5.70
C TYR A 61 5.68 -14.98 5.26
N HIS A 62 6.18 -16.05 4.62
CA HIS A 62 7.63 -16.19 4.41
C HIS A 62 8.46 -15.96 5.68
N GLY A 63 7.83 -16.17 6.83
CA GLY A 63 8.51 -16.09 8.14
C GLY A 63 8.46 -14.69 8.72
N TYR A 64 7.70 -13.78 8.11
CA TYR A 64 7.64 -12.41 8.65
C TYR A 64 7.17 -12.44 10.11
N PRO A 65 7.94 -11.77 11.00
CA PRO A 65 7.66 -11.92 12.44
C PRO A 65 6.52 -11.12 13.11
N LYS A 66 5.95 -10.15 12.43
CA LYS A 66 5.02 -9.21 13.09
C LYS A 66 3.73 -9.14 12.30
N SER A 67 2.75 -8.36 12.75
CA SER A 67 1.44 -8.35 12.07
C SER A 67 1.30 -7.24 11.03
N VAL A 68 2.03 -6.14 11.19
CA VAL A 68 2.00 -5.08 10.17
C VAL A 68 3.45 -4.70 9.85
N CYS A 69 3.69 -4.00 8.74
CA CYS A 69 5.04 -3.45 8.50
C CYS A 69 5.05 -1.97 8.78
N ILE A 70 6.02 -1.53 9.55
CA ILE A 70 6.11 -0.11 9.85
C ILE A 70 7.48 0.39 9.42
N SER A 71 7.47 1.27 8.41
CA SER A 71 8.68 1.74 7.71
C SER A 71 8.92 3.23 7.86
N ILE A 72 10.05 3.61 8.48
CA ILE A 72 10.37 5.02 8.85
C ILE A 72 11.47 5.64 7.99
N ASN A 73 11.18 6.83 7.48
CA ASN A 73 12.19 7.66 6.84
C ASN A 73 12.82 6.92 5.66
N GLU A 74 14.10 6.54 5.75
CA GLU A 74 14.75 5.97 4.56
C GLU A 74 14.46 4.46 4.42
N VAL A 75 13.68 3.91 5.35
CA VAL A 75 13.19 2.53 5.15
C VAL A 75 12.14 2.57 4.06
N VAL A 76 12.32 1.68 3.07
CA VAL A 76 11.49 1.59 1.87
C VAL A 76 10.25 0.76 2.13
N CYS A 77 10.45 -0.42 2.73
CA CYS A 77 9.37 -1.36 3.04
C CYS A 77 9.89 -2.43 4.03
N HIS A 78 8.93 -3.16 4.64
CA HIS A 78 9.18 -4.37 5.42
C HIS A 78 9.95 -4.00 6.69
N GLY A 79 9.82 -2.73 7.10
CA GLY A 79 10.22 -2.26 8.44
C GLY A 79 9.57 -3.10 9.53
N ILE A 80 10.41 -3.65 10.39
CA ILE A 80 9.93 -4.56 11.42
C ILE A 80 9.62 -3.80 12.72
N PRO A 81 8.37 -3.87 13.17
CA PRO A 81 7.97 -3.32 14.48
C PRO A 81 8.91 -3.71 15.64
N ASP A 82 9.35 -2.74 16.43
CA ASP A 82 10.44 -3.02 17.38
C ASP A 82 10.34 -2.00 18.49
N ASP A 83 10.56 -2.42 19.73
CA ASP A 83 10.47 -1.48 20.86
C ASP A 83 11.54 -0.41 21.07
N ALA A 84 12.78 -0.65 20.66
CA ALA A 84 13.78 0.42 20.71
C ALA A 84 13.50 1.46 19.63
N LYS A 85 12.57 1.15 18.72
CA LYS A 85 12.29 2.04 17.61
C LYS A 85 11.20 3.02 17.98
N LEU A 86 11.64 4.24 18.25
CA LEU A 86 10.73 5.31 18.66
C LEU A 86 10.44 6.33 17.57
N LEU A 87 9.16 6.63 17.35
CA LEU A 87 8.81 7.76 16.48
C LEU A 87 9.21 9.13 17.08
N LYS A 88 9.59 10.08 16.22
CA LYS A 88 9.99 11.40 16.66
C LYS A 88 9.59 12.43 15.62
N ASP A 89 9.59 13.68 16.06
CA ASP A 89 9.36 14.83 15.21
C ASP A 89 9.99 14.78 13.81
N GLY A 90 9.16 14.91 12.80
CA GLY A 90 9.62 15.09 11.44
C GLY A 90 9.61 13.77 10.70
N ASP A 91 9.42 12.65 11.41
CA ASP A 91 9.53 11.32 10.78
C ASP A 91 8.40 11.22 9.76
N ILE A 92 8.67 10.59 8.62
CA ILE A 92 7.61 10.02 7.79
C ILE A 92 7.54 8.50 7.99
N VAL A 93 6.33 7.95 8.10
CA VAL A 93 6.08 6.60 8.64
C VAL A 93 4.99 5.92 7.80
N ASN A 94 5.33 4.79 7.21
CA ASN A 94 4.34 3.97 6.48
C ASN A 94 3.87 2.84 7.38
N ILE A 95 2.55 2.64 7.52
CA ILE A 95 2.03 1.42 8.13
C ILE A 95 1.26 0.70 7.03
N ASP A 96 1.68 -0.53 6.80
CA ASP A 96 1.12 -1.37 5.74
C ASP A 96 0.43 -2.57 6.45
N VAL A 97 -0.86 -2.71 6.16
CA VAL A 97 -1.77 -3.63 6.82
C VAL A 97 -2.29 -4.60 5.74
N THR A 98 -2.32 -5.89 6.06
CA THR A 98 -3.13 -6.82 5.24
C THR A 98 -3.90 -7.75 6.16
N VAL A 99 -5.22 -7.84 5.96
CA VAL A 99 -6.03 -8.73 6.77
C VAL A 99 -6.69 -9.77 5.88
N ILE A 100 -6.96 -10.93 6.47
CA ILE A 100 -7.76 -11.97 5.85
C ILE A 100 -9.04 -12.03 6.68
N LYS A 101 -10.17 -11.97 5.98
CA LYS A 101 -11.47 -12.09 6.61
C LYS A 101 -12.32 -12.91 5.66
N ASP A 102 -12.84 -14.03 6.19
CA ASP A 102 -13.78 -14.86 5.44
C ASP A 102 -13.09 -15.29 4.13
N GLY A 103 -11.79 -15.56 4.22
CA GLY A 103 -11.05 -16.15 3.10
C GLY A 103 -10.41 -15.15 2.16
N PHE A 104 -10.77 -13.87 2.31
CA PHE A 104 -10.33 -12.83 1.36
C PHE A 104 -9.42 -11.78 1.98
N HIS A 105 -8.47 -11.28 1.20
CA HIS A 105 -7.46 -10.35 1.65
C HIS A 105 -7.79 -8.89 1.32
N GLY A 106 -7.47 -7.97 2.22
CA GLY A 106 -7.53 -6.55 1.95
C GLY A 106 -6.19 -5.97 2.35
N ASP A 107 -5.60 -5.16 1.48
CA ASP A 107 -4.16 -4.78 1.56
C ASP A 107 -4.03 -3.26 1.29
N THR A 108 -3.55 -2.53 2.29
CA THR A 108 -3.50 -1.08 2.17
C THR A 108 -2.43 -0.45 3.08
N SER A 109 -1.89 0.69 2.68
CA SER A 109 -0.91 1.34 3.56
C SER A 109 -1.09 2.83 3.34
N LYS A 110 -0.56 3.60 4.31
CA LYS A 110 -0.54 5.03 4.14
C LYS A 110 0.68 5.56 4.87
N MET A 111 0.97 6.81 4.55
CA MET A 111 2.00 7.54 5.29
C MET A 111 1.41 8.39 6.38
N PHE A 112 2.12 8.43 7.51
CA PHE A 112 1.76 9.33 8.60
C PHE A 112 2.97 10.23 8.77
N ILE A 113 2.73 11.52 9.01
CA ILE A 113 3.85 12.41 9.30
C ILE A 113 3.76 12.75 10.78
N VAL A 114 4.89 12.61 11.47
CA VAL A 114 4.90 12.66 12.94
C VAL A 114 5.33 14.06 13.45
N GLY A 115 4.52 14.67 14.33
CA GLY A 115 4.82 16.02 14.88
C GLY A 115 4.85 17.00 13.70
N LYS A 116 5.94 17.72 13.54
CA LYS A 116 5.97 18.84 12.61
C LYS A 116 6.55 18.45 11.26
N PRO A 117 5.70 18.47 10.22
CA PRO A 117 6.20 18.15 8.89
C PRO A 117 7.53 18.84 8.61
N THR A 118 8.46 18.09 8.04
CA THR A 118 9.52 18.82 7.38
C THR A 118 8.84 19.10 6.06
N ILE A 119 9.27 20.17 5.41
CA ILE A 119 8.83 20.46 4.08
C ILE A 119 9.02 19.28 3.13
N MET A 120 10.19 18.64 3.17
CA MET A 120 10.56 17.65 2.16
C MET A 120 9.78 16.32 2.30
N GLY A 121 9.65 15.85 3.54
CA GLY A 121 8.71 14.78 3.86
C GLY A 121 7.30 15.04 3.37
N GLU A 122 6.77 16.25 3.61
CA GLU A 122 5.41 16.56 3.15
C GLU A 122 5.26 16.37 1.65
N ARG A 123 6.21 16.94 0.90
CA ARG A 123 6.21 16.92 -0.58
C ARG A 123 6.28 15.50 -1.09
N LEU A 124 7.22 14.72 -0.55
CA LEU A 124 7.40 13.33 -0.95
C LEU A 124 6.12 12.52 -0.69
N CYS A 125 5.47 12.70 0.46
CA CYS A 125 4.26 11.93 0.77
C CYS A 125 3.15 12.34 -0.16
N ARG A 126 3.05 13.64 -0.41
CA ARG A 126 1.95 14.15 -1.22
C ARG A 126 2.05 13.65 -2.68
N ILE A 127 3.24 13.77 -3.26
CA ILE A 127 3.54 13.29 -4.62
C ILE A 127 3.31 11.78 -4.74
N THR A 128 3.70 11.05 -3.70
CA THR A 128 3.50 9.60 -3.71
C THR A 128 2.01 9.21 -3.72
N GLN A 129 1.22 9.84 -2.85
CA GLN A 129 -0.23 9.68 -2.90
C GLN A 129 -0.80 10.12 -4.23
N GLU A 130 -0.38 11.27 -4.75
CA GLU A 130 -0.94 11.74 -6.01
C GLU A 130 -0.58 10.74 -7.11
N SER A 131 0.58 10.11 -7.01
CA SER A 131 0.95 9.08 -7.97
C SER A 131 0.02 7.85 -7.95
N LEU A 132 -0.41 7.44 -6.75
CA LEU A 132 -1.43 6.41 -6.60
C LEU A 132 -2.78 6.85 -7.18
N TYR A 133 -3.19 8.05 -6.79
CA TYR A 133 -4.47 8.59 -7.23
C TYR A 133 -4.55 8.68 -8.76
N LEU A 134 -3.52 9.22 -9.42
CA LEU A 134 -3.61 9.27 -10.85
C LEU A 134 -3.70 7.91 -11.50
N ALA A 135 -2.97 6.93 -10.97
CA ALA A 135 -3.10 5.55 -11.43
C ALA A 135 -4.53 5.00 -11.21
N LEU A 136 -5.09 5.27 -10.04
CA LEU A 136 -6.48 4.91 -9.74
C LEU A 136 -7.45 5.49 -10.75
N ARG A 137 -7.18 6.71 -11.21
CA ARG A 137 -8.14 7.35 -12.13
C ARG A 137 -8.13 6.77 -13.53
N MET A 138 -7.13 5.92 -13.80
CA MET A 138 -6.93 5.35 -15.14
C MET A 138 -7.53 3.97 -15.26
N VAL A 139 -7.79 3.37 -14.10
CA VAL A 139 -8.32 2.01 -14.03
C VAL A 139 -9.74 1.88 -14.61
N LYS A 140 -9.84 1.05 -15.63
CA LYS A 140 -11.13 0.80 -16.25
C LYS A 140 -10.96 -0.30 -17.29
N PRO A 141 -12.10 -0.97 -17.55
CA PRO A 141 -12.05 -2.08 -18.52
C PRO A 141 -11.37 -1.67 -19.81
N GLY A 142 -10.50 -2.58 -20.27
CA GLY A 142 -9.82 -2.40 -21.54
C GLY A 142 -8.57 -1.56 -21.61
N ILE A 143 -8.23 -0.77 -20.58
CA ILE A 143 -6.87 -0.20 -20.47
C ILE A 143 -5.85 -1.30 -20.14
N ASN A 144 -4.61 -1.12 -20.59
CA ASN A 144 -3.52 -2.03 -20.24
C ASN A 144 -2.76 -1.55 -19.00
N LEU A 145 -2.27 -2.48 -18.17
CA LEU A 145 -1.43 -2.07 -17.03
C LEU A 145 -0.16 -1.34 -17.45
N ARG A 146 0.44 -1.65 -18.60
CA ARG A 146 1.66 -0.95 -19.00
C ARG A 146 1.53 0.60 -18.97
N GLU A 147 0.42 1.09 -19.52
CA GLU A 147 0.01 2.50 -19.55
C GLU A 147 0.06 3.12 -18.13
N ILE A 148 -0.37 2.35 -17.14
CA ILE A 148 -0.49 2.85 -15.77
C ILE A 148 0.88 2.97 -15.05
N GLY A 149 1.67 1.91 -15.15
CA GLY A 149 3.03 1.97 -14.70
C GLY A 149 3.76 3.13 -15.35
N ALA A 150 3.55 3.34 -16.63
CA ALA A 150 4.31 4.39 -17.31
C ALA A 150 3.92 5.79 -16.79
N ALA A 151 2.62 5.97 -16.51
CA ALA A 151 2.07 7.23 -16.02
C ALA A 151 2.57 7.54 -14.60
N ILE A 152 2.70 6.52 -13.78
CA ILE A 152 3.17 6.75 -12.40
C ILE A 152 4.63 7.24 -12.45
N GLN A 153 5.46 6.55 -13.23
CA GLN A 153 6.89 6.81 -13.28
C GLN A 153 7.13 8.23 -13.81
N LYS A 154 6.39 8.59 -14.84
CA LYS A 154 6.50 9.93 -15.44
C LYS A 154 6.29 11.06 -14.41
N PHE A 155 5.22 10.92 -13.63
CA PHE A 155 4.76 11.91 -12.66
C PHE A 155 5.80 12.08 -11.56
N VAL A 156 6.18 10.94 -10.97
CA VAL A 156 7.18 10.87 -9.91
C VAL A 156 8.53 11.47 -10.35
N GLU A 157 9.03 11.10 -11.51
CA GLU A 157 10.32 11.62 -11.98
C GLU A 157 10.34 13.13 -12.29
N ALA A 158 9.29 13.60 -12.96
CA ALA A 158 9.03 15.04 -13.05
C ALA A 158 9.16 15.81 -11.70
N GLU A 159 9.05 15.16 -10.55
CA GLU A 159 9.29 15.83 -9.25
C GLU A 159 10.73 15.77 -8.78
N GLY A 160 11.59 15.21 -9.63
CA GLY A 160 12.91 14.78 -9.21
C GLY A 160 12.93 13.66 -8.18
N PHE A 161 11.92 12.80 -8.17
CA PHE A 161 11.88 11.62 -7.30
C PHE A 161 12.10 10.39 -8.19
N SER A 162 12.21 9.21 -7.59
CA SER A 162 12.43 7.97 -8.36
C SER A 162 11.49 6.88 -7.88
N VAL A 163 11.17 5.95 -8.78
CA VAL A 163 10.34 4.77 -8.49
C VAL A 163 11.15 3.49 -8.19
N VAL A 164 10.88 2.90 -7.04
CA VAL A 164 11.46 1.59 -6.69
C VAL A 164 10.97 0.46 -7.62
N ARG A 165 11.89 -0.32 -8.18
CA ARG A 165 11.56 -1.30 -9.22
C ARG A 165 11.16 -2.63 -8.62
N GLU A 166 11.73 -2.96 -7.45
CA GLU A 166 11.75 -4.35 -6.99
C GLU A 166 10.41 -4.77 -6.43
N TYR A 167 9.63 -3.79 -5.97
CA TYR A 167 8.35 -4.20 -5.41
C TYR A 167 7.19 -3.73 -6.27
N CYS A 168 6.20 -4.58 -6.40
CA CYS A 168 5.10 -4.17 -7.24
CA CYS A 168 5.09 -4.28 -7.28
C CYS A 168 3.78 -4.52 -6.59
N GLY A 169 2.74 -3.84 -7.08
CA GLY A 169 1.37 -4.16 -6.71
C GLY A 169 1.04 -5.52 -7.28
N HIS A 170 -0.10 -6.10 -6.88
CA HIS A 170 -0.37 -7.50 -7.24
C HIS A 170 -1.87 -7.77 -7.25
N GLY A 171 -2.30 -8.72 -8.07
CA GLY A 171 -3.58 -9.35 -7.80
C GLY A 171 -3.69 -9.73 -6.32
N ILE A 172 -4.92 -9.78 -5.85
CA ILE A 172 -5.26 -10.17 -4.48
C ILE A 172 -6.68 -10.75 -4.47
N GLY A 173 -6.94 -11.69 -3.57
CA GLY A 173 -8.30 -12.29 -3.42
C GLY A 173 -8.21 -13.35 -2.35
N ARG A 174 -8.49 -14.61 -2.70
CA ARG A 174 -8.17 -15.75 -1.83
C ARG A 174 -6.65 -15.89 -1.57
N GLY A 175 -5.83 -15.44 -2.51
CA GLY A 175 -4.38 -15.44 -2.39
C GLY A 175 -3.92 -14.02 -2.02
N PHE A 176 -2.91 -13.93 -1.18
CA PHE A 176 -2.35 -12.63 -0.81
C PHE A 176 -1.79 -11.96 -2.09
N HIS A 177 -0.99 -12.74 -2.83
CA HIS A 177 -0.38 -12.32 -4.09
C HIS A 177 -0.76 -13.23 -5.24
N GLU A 178 -1.58 -12.68 -6.12
CA GLU A 178 -2.09 -13.32 -7.32
C GLU A 178 -1.63 -12.59 -8.58
N GLU A 179 -1.79 -13.23 -9.75
CA GLU A 179 -1.60 -12.50 -11.00
C GLU A 179 -2.67 -11.37 -11.03
N PRO A 180 -2.34 -10.21 -11.63
CA PRO A 180 -1.09 -9.80 -12.26
C PRO A 180 -0.04 -9.18 -11.34
N GLN A 181 1.20 -9.07 -11.82
CA GLN A 181 2.09 -8.03 -11.25
C GLN A 181 1.80 -6.60 -11.73
N VAL A 182 1.62 -5.68 -10.80
CA VAL A 182 1.33 -4.31 -11.20
C VAL A 182 2.58 -3.45 -10.96
N LEU A 183 3.36 -3.24 -12.01
CA LEU A 183 4.60 -2.50 -11.95
C LEU A 183 4.26 -1.01 -11.97
N HIS A 184 5.00 -0.24 -11.20
CA HIS A 184 4.79 1.21 -11.06
C HIS A 184 5.74 1.97 -11.97
N TYR A 185 6.16 1.31 -13.04
CA TYR A 185 6.98 1.96 -14.06
C TYR A 185 6.79 1.25 -15.40
N ASP A 186 7.36 1.82 -16.46
CA ASP A 186 7.08 1.31 -17.81
C ASP A 186 7.97 0.10 -18.13
N SER A 187 7.37 -0.96 -18.66
CA SER A 187 8.10 -2.17 -19.04
C SER A 187 7.46 -2.78 -20.29
N ARG A 188 8.27 -3.11 -21.31
CA ARG A 188 7.72 -3.86 -22.44
C ARG A 188 7.01 -5.17 -22.06
N GLU A 189 7.37 -5.76 -20.93
CA GLU A 189 6.82 -7.04 -20.54
C GLU A 189 5.36 -7.03 -20.17
N THR A 190 4.82 -5.85 -19.85
CA THR A 190 3.45 -5.78 -19.39
C THR A 190 2.35 -5.82 -20.44
N ASN A 191 1.45 -6.77 -20.31
CA ASN A 191 0.40 -6.83 -21.26
C ASN A 191 -0.83 -7.52 -20.72
N VAL A 192 -1.49 -6.78 -19.83
CA VAL A 192 -2.66 -7.26 -19.13
C VAL A 192 -3.67 -6.19 -19.48
N VAL A 193 -4.78 -6.58 -20.08
CA VAL A 193 -5.85 -5.69 -20.46
C VAL A 193 -6.89 -5.89 -19.37
N LEU A 194 -7.22 -4.80 -18.67
CA LEU A 194 -8.09 -4.92 -17.53
C LEU A 194 -9.52 -5.28 -17.86
N LYS A 195 -10.12 -6.04 -16.93
CA LYS A 195 -11.47 -6.52 -17.18
C LYS A 195 -12.28 -6.38 -15.91
N PRO A 196 -13.60 -6.13 -16.11
CA PRO A 196 -14.45 -6.01 -14.94
C PRO A 196 -14.28 -7.22 -13.99
N GLY A 197 -14.04 -6.93 -12.72
CA GLY A 197 -13.88 -7.95 -11.69
C GLY A 197 -12.48 -8.49 -11.41
N MET A 198 -11.46 -8.07 -12.15
CA MET A 198 -10.10 -8.24 -11.61
C MET A 198 -10.02 -7.43 -10.32
N THR A 199 -9.29 -7.98 -9.37
CA THR A 199 -8.99 -7.22 -8.15
C THR A 199 -7.48 -7.22 -7.89
N PHE A 200 -6.92 -6.07 -7.51
CA PHE A 200 -5.48 -5.96 -7.39
C PHE A 200 -5.16 -4.72 -6.58
N THR A 201 -3.88 -4.62 -6.26
CA THR A 201 -3.39 -3.45 -5.54
C THR A 201 -2.50 -2.60 -6.43
N ILE A 202 -2.35 -1.34 -6.02
CA ILE A 202 -1.39 -0.46 -6.64
C ILE A 202 -0.69 0.12 -5.42
N GLU A 203 0.65 0.08 -5.43
CA GLU A 203 1.40 0.41 -4.23
C GLU A 203 2.80 1.02 -4.49
N PRO A 204 2.84 2.18 -5.16
CA PRO A 204 4.13 2.78 -5.57
C PRO A 204 5.03 3.12 -4.36
N MET A 205 6.32 2.76 -4.40
CA MET A 205 7.35 3.20 -3.46
C MET A 205 8.19 4.25 -4.19
N VAL A 206 8.23 5.43 -3.61
CA VAL A 206 8.84 6.58 -4.23
C VAL A 206 10.00 7.03 -3.34
N ASN A 207 11.20 7.08 -3.90
CA ASN A 207 12.39 7.63 -3.22
C ASN A 207 12.64 9.09 -3.60
N ALA A 208 12.98 9.91 -2.61
CA ALA A 208 13.40 11.29 -2.91
C ALA A 208 14.75 11.38 -3.67
N GLY A 209 15.69 10.48 -3.37
CA GLY A 209 16.89 10.28 -4.17
C GLY A 209 16.79 9.26 -5.29
N LYS A 210 17.82 8.40 -5.39
CA LYS A 210 17.92 7.36 -6.42
C LYS A 210 17.12 6.08 -6.12
N LYS A 211 16.81 5.34 -7.19
CA LYS A 211 15.84 4.24 -7.19
C LYS A 211 16.40 2.97 -6.51
N GLU A 212 17.74 2.92 -6.38
CA GLU A 212 18.38 1.76 -5.76
C GLU A 212 18.12 1.54 -4.27
N ILE A 213 17.84 0.28 -3.92
CA ILE A 213 17.49 -0.09 -2.55
C ILE A 213 18.46 -1.16 -2.06
N ARG A 214 18.55 -1.31 -0.76
CA ARG A 214 19.36 -2.35 -0.15
C ARG A 214 18.59 -3.10 0.95
N THR A 215 18.80 -4.40 1.15
CA THR A 215 18.26 -5.12 2.30
C THR A 215 19.27 -5.24 3.43
N MET A 216 18.76 -5.06 4.66
CA MET A 216 19.58 -5.04 5.86
C MET A 216 19.91 -6.47 6.34
N LYS A 217 20.70 -6.56 7.38
CA LYS A 217 21.13 -7.84 7.99
C LYS A 217 20.10 -8.54 8.88
N ASP A 218 18.95 -7.91 9.08
CA ASP A 218 17.87 -8.64 9.71
C ASP A 218 17.13 -9.48 8.70
N GLY A 219 17.54 -9.40 7.42
CA GLY A 219 16.87 -10.10 6.32
C GLY A 219 15.48 -9.62 5.91
N TRP A 220 15.03 -8.49 6.46
CA TRP A 220 13.68 -8.02 6.18
C TRP A 220 13.71 -6.58 5.74
N THR A 221 14.42 -5.78 6.51
CA THR A 221 14.35 -4.33 6.38
C THR A 221 14.95 -3.87 5.05
N VAL A 222 14.17 -3.12 4.27
CA VAL A 222 14.63 -2.55 3.01
C VAL A 222 14.87 -1.04 3.15
N LYS A 223 16.06 -0.55 2.76
CA LYS A 223 16.35 0.90 2.84
C LYS A 223 16.81 1.45 1.50
N THR A 224 16.73 2.77 1.34
CA THR A 224 17.28 3.40 0.14
C THR A 224 18.82 3.18 0.13
N LYS A 225 19.34 2.88 -1.05
CA LYS A 225 20.77 2.69 -1.14
C LYS A 225 21.43 3.98 -0.66
N ASP A 226 20.79 5.12 -0.92
CA ASP A 226 21.41 6.44 -0.73
C ASP A 226 20.96 7.18 0.55
N ARG A 227 20.15 6.51 1.37
CA ARG A 227 19.66 7.04 2.65
C ARG A 227 18.69 8.22 2.57
N SER A 228 18.28 8.58 1.36
CA SER A 228 17.21 9.56 1.15
C SER A 228 15.87 8.99 1.65
N LEU A 229 14.86 9.84 1.75
CA LEU A 229 13.56 9.41 2.22
C LEU A 229 12.87 8.55 1.16
N SER A 230 11.98 7.70 1.65
CA SER A 230 11.11 6.90 0.79
C SER A 230 9.68 6.87 1.32
N ALA A 231 8.69 6.86 0.43
CA ALA A 231 7.30 6.87 0.85
C ALA A 231 6.47 5.94 -0.05
N GLN A 232 5.31 5.46 0.42
CA GLN A 232 4.47 4.44 -0.23
C GLN A 232 3.04 4.67 0.25
N TYR A 233 2.10 4.58 -0.67
CA TYR A 233 0.69 4.34 -0.34
C TYR A 233 0.16 3.19 -1.18
N GLU A 234 -0.86 2.50 -0.65
CA GLU A 234 -1.39 1.30 -1.33
C GLU A 234 -2.92 1.22 -1.20
N HIS A 235 -3.66 0.85 -2.25
CA HIS A 235 -5.08 0.60 -2.13
C HIS A 235 -5.33 -0.70 -2.89
N THR A 236 -6.34 -1.42 -2.43
CA THR A 236 -6.86 -2.60 -3.11
C THR A 236 -8.09 -2.07 -3.85
N ILE A 237 -8.19 -2.50 -5.11
CA ILE A 237 -9.31 -2.04 -5.93
C ILE A 237 -9.94 -3.25 -6.65
N VAL A 238 -11.18 -3.07 -7.09
CA VAL A 238 -11.84 -3.94 -8.08
C VAL A 238 -12.14 -3.15 -9.38
N VAL A 239 -11.82 -3.73 -10.55
CA VAL A 239 -12.23 -3.13 -11.82
C VAL A 239 -13.76 -3.29 -11.99
N THR A 240 -14.46 -2.18 -12.26
CA THR A 240 -15.91 -2.24 -12.43
C THR A 240 -16.17 -2.10 -13.92
N ASP A 241 -17.44 -2.07 -14.32
CA ASP A 241 -17.78 -2.03 -15.75
C ASP A 241 -17.32 -0.73 -16.44
N ASN A 242 -17.21 0.35 -15.69
CA ASN A 242 -16.79 1.63 -16.27
C ASN A 242 -15.74 2.36 -15.44
N GLY A 243 -15.06 1.68 -14.53
CA GLY A 243 -13.96 2.32 -13.84
C GLY A 243 -13.41 1.42 -12.76
N CYS A 244 -13.28 1.95 -11.55
CA CYS A 244 -12.95 1.09 -10.43
C CYS A 244 -13.68 1.45 -9.15
N GLU A 245 -13.59 0.58 -8.17
CA GLU A 245 -14.03 0.89 -6.82
C GLU A 245 -12.88 0.64 -5.87
N ILE A 246 -12.57 1.59 -4.99
CA ILE A 246 -11.41 1.43 -4.11
C ILE A 246 -11.95 0.69 -2.87
N LEU A 247 -11.44 -0.51 -2.58
CA LEU A 247 -12.03 -1.32 -1.52
C LEU A 247 -11.46 -0.95 -0.16
N THR A 248 -10.37 -0.19 -0.15
CA THR A 248 -9.67 0.15 1.09
C THR A 248 -9.76 1.66 1.39
N LEU A 249 -10.83 2.34 0.96
CA LEU A 249 -10.85 3.79 1.10
C LEU A 249 -10.98 4.13 2.58
N ARG A 250 -10.30 5.21 2.96
CA ARG A 250 -10.48 5.74 4.33
C ARG A 250 -11.14 7.12 4.32
N LYS A 251 -11.63 7.50 5.47
CA LYS A 251 -12.17 8.85 5.61
C LYS A 251 -11.21 10.01 5.24
N ASP A 252 -9.91 9.81 5.38
CA ASP A 252 -8.93 10.84 4.99
C ASP A 252 -8.56 10.80 3.51
N ASP A 253 -8.93 9.76 2.77
CA ASP A 253 -8.69 9.82 1.32
C ASP A 253 -9.47 11.01 0.74
N THR A 254 -8.94 11.58 -0.34
CA THR A 254 -9.60 12.69 -1.00
C THR A 254 -9.89 12.32 -2.45
N ILE A 255 -10.13 11.03 -2.68
CA ILE A 255 -10.58 10.52 -3.99
C ILE A 255 -11.88 9.72 -3.73
N PRO A 256 -12.85 9.74 -4.69
CA PRO A 256 -14.08 9.01 -4.45
C PRO A 256 -13.86 7.50 -4.45
N ALA A 257 -14.66 6.81 -3.63
CA ALA A 257 -14.67 5.39 -3.51
C ALA A 257 -14.94 4.80 -4.87
N ILE A 258 -15.91 5.35 -5.62
CA ILE A 258 -16.31 4.76 -6.90
C ILE A 258 -15.94 5.74 -8.00
N ILE A 259 -15.09 5.30 -8.91
CA ILE A 259 -14.62 6.18 -9.98
C ILE A 259 -15.26 5.71 -11.27
N SER A 260 -16.06 6.56 -11.88
CA SER A 260 -16.88 6.13 -13.05
C SER A 260 -16.49 6.91 -14.32
N HIS A 261 -16.24 6.19 -15.40
CA HIS A 261 -15.90 6.82 -16.67
C HIS A 261 -17.09 6.72 -17.62
N ASP A 262 -18.29 6.83 -17.10
CA ASP A 262 -19.46 6.52 -17.87
C ASP A 262 -20.34 7.74 -17.94
N GLU A 263 -20.97 7.90 -19.09
CA GLU A 263 -21.69 9.13 -19.42
C GLU A 263 -23.10 9.22 -18.83
#